data_7AJ7
#
_entry.id   7AJ7
#
_cell.length_a   81.814
_cell.length_b   81.814
_cell.length_c   124.405
_cell.angle_alpha   90.000
_cell.angle_beta   90.000
_cell.angle_gamma   90.000
#
_symmetry.space_group_name_H-M   'P 43 21 2'
#
loop_
_entity.id
_entity.type
_entity.pdbx_description
1 polymer 'Dual specificity tyrosine-phosphorylation-regulated kinase 1A'
2 non-polymer 4-(3-methylbenzimidazol-5-yl)pyridine-2,6-diamine
3 non-polymer 'CHLORIDE ION'
4 water water
#
_entity_poly.entity_id   1
_entity_poly.type   'polypeptide(L)'
_entity_poly.pdbx_seq_one_letter_code
;MGSSHHHHHHSSGLVPRG(SEP)HMIVKNGEKWMDRYEIDSLIGKGSFGQVVKAYDRVEQEWVAIKIIKNKKAFLNQAQI
EVRLLELMNKHDTEMKYYIVHLKRHFMFRNHLCLVFEMLSYNLYDLLRNTNFRGVSLNLTRKFAQQMCTALLFLATPELS
IIHCDLKPENILLCNPKRSAIKIVDFGSSCQLGQRIYQ(PTR)IQSRFYRSPEVLLGMPYDLAIDMWSLGCILVEMHTGE
PLFSGANEVDQMNKIVEVLGIPPAHILDQAPKARKFFEKLPDGTWNLKKTKDGKREYKPPGTRKLHNILGVETGGPGGRR
AGESGHTVADYLKFKDLILRMLDYDPKTRIQPYYALQHSFFKKTADE
;
_entity_poly.pdbx_strand_id   A
#
loop_
_chem_comp.id
_chem_comp.type
_chem_comp.name
_chem_comp.formula
CL non-polymer 'CHLORIDE ION' 'Cl -1'
RHT non-polymer 4-(3-methylbenzimidazol-5-yl)pyridine-2,6-diamine 'C13 H13 N5'
#
# COMPACT_ATOMS: atom_id res chain seq x y z
N VAL A 23 -6.24 28.94 -1.40
CA VAL A 23 -6.44 29.13 0.08
C VAL A 23 -5.13 29.68 0.66
N LYS A 24 -5.20 30.81 1.41
CA LYS A 24 -4.03 31.55 1.99
C LYS A 24 -3.93 31.29 3.50
N ASN A 25 -2.72 31.32 4.07
CA ASN A 25 -2.47 31.30 5.54
C ASN A 25 -3.28 32.43 6.21
N GLY A 26 -3.92 32.13 7.35
CA GLY A 26 -4.64 33.10 8.20
C GLY A 26 -6.14 33.00 7.99
N GLU A 27 -6.56 32.74 6.74
CA GLU A 27 -7.97 32.57 6.30
C GLU A 27 -8.79 31.84 7.39
N LYS A 28 -9.90 32.42 7.83
CA LYS A 28 -10.79 31.83 8.88
C LYS A 28 -12.05 31.27 8.20
N TRP A 29 -12.57 30.13 8.66
CA TRP A 29 -13.76 29.43 8.08
C TRP A 29 -14.82 29.24 9.17
N MET A 30 -16.08 29.60 8.87
CA MET A 30 -17.29 29.23 9.63
C MET A 30 -17.11 29.46 11.15
N ASP A 31 -16.47 30.55 11.56
CA ASP A 31 -16.15 30.84 12.99
C ASP A 31 -15.52 29.59 13.64
N ARG A 32 -14.62 28.85 12.98
CA ARG A 32 -14.15 27.52 13.50
C ARG A 32 -12.74 27.10 13.05
N TYR A 33 -12.33 27.32 11.79
CA TYR A 33 -11.03 26.80 11.28
C TYR A 33 -10.11 27.95 10.83
N GLU A 34 -8.87 27.91 11.31
CA GLU A 34 -7.81 28.89 10.98
C GLU A 34 -6.77 28.15 10.15
N ILE A 35 -6.74 28.37 8.84
CA ILE A 35 -5.81 27.69 7.89
C ILE A 35 -4.41 28.19 8.20
N ASP A 36 -3.44 27.27 8.26
CA ASP A 36 -2.02 27.61 8.52
C ASP A 36 -1.26 27.46 7.20
N SER A 37 -1.31 26.28 6.61
CA SER A 37 -0.37 25.90 5.52
C SER A 37 -0.88 24.67 4.75
N LEU A 38 -0.30 24.46 3.57
CA LEU A 38 -0.53 23.28 2.71
C LEU A 38 0.40 22.14 3.15
N ILE A 39 -0.15 20.99 3.51
CA ILE A 39 0.65 19.81 3.93
C ILE A 39 0.86 18.91 2.73
N GLY A 40 -0.20 18.68 1.96
CA GLY A 40 -0.21 17.73 0.85
C GLY A 40 -1.06 18.25 -0.28
N LYS A 41 -0.78 17.77 -1.50
CA LYS A 41 -1.55 18.08 -2.74
C LYS A 41 -1.87 16.76 -3.41
N GLY A 42 -2.88 16.74 -4.28
CA GLY A 42 -3.26 15.50 -4.98
C GLY A 42 -4.02 15.76 -6.26
N SER A 43 -4.35 14.69 -6.98
CA SER A 43 -5.34 14.72 -8.08
C SER A 43 -6.68 15.19 -7.47
N PHE A 44 -7.00 14.71 -6.25
CA PHE A 44 -8.26 14.92 -5.47
C PHE A 44 -8.47 16.39 -5.08
N GLY A 45 -7.39 17.16 -4.94
CA GLY A 45 -7.40 18.55 -4.40
C GLY A 45 -6.17 18.81 -3.56
N GLN A 46 -6.34 19.34 -2.34
CA GLN A 46 -5.20 19.64 -1.46
C GLN A 46 -5.58 19.48 0.01
N VAL A 47 -4.56 19.33 0.84
CA VAL A 47 -4.64 19.04 2.30
C VAL A 47 -3.92 20.17 3.01
N VAL A 48 -4.52 20.71 4.08
CA VAL A 48 -3.97 21.89 4.79
C VAL A 48 -3.95 21.60 6.30
N LYS A 49 -2.98 22.23 6.97
CA LYS A 49 -2.82 22.29 8.45
C LYS A 49 -3.67 23.46 8.92
N ALA A 50 -4.72 23.17 9.67
CA ALA A 50 -5.67 24.20 10.15
C ALA A 50 -5.83 24.03 11.65
N TYR A 51 -6.16 25.11 12.36
CA TYR A 51 -6.41 25.07 13.82
C TYR A 51 -7.92 25.05 14.04
N ASP A 52 -8.40 23.98 14.64
CA ASP A 52 -9.81 23.85 15.09
C ASP A 52 -9.96 24.64 16.40
N ARG A 53 -10.72 25.74 16.34
CA ARG A 53 -10.96 26.71 17.45
C ARG A 53 -11.88 26.04 18.50
N VAL A 54 -12.60 24.98 18.16
CA VAL A 54 -13.61 24.36 19.08
C VAL A 54 -12.90 23.34 19.97
N GLU A 55 -12.26 22.35 19.34
CA GLU A 55 -11.59 21.20 20.02
C GLU A 55 -10.24 21.65 20.61
N GLN A 56 -9.74 22.81 20.17
CA GLN A 56 -8.51 23.46 20.69
C GLN A 56 -7.34 22.56 20.30
N GLU A 57 -7.26 22.19 19.02
CA GLU A 57 -6.22 21.25 18.53
C GLU A 57 -6.01 21.47 17.04
N TRP A 58 -4.87 21.04 16.52
CA TRP A 58 -4.57 21.13 15.07
C TRP A 58 -5.16 19.92 14.39
N VAL A 59 -5.57 20.11 13.14
CA VAL A 59 -6.22 19.09 12.28
C VAL A 59 -5.68 19.23 10.85
N ALA A 60 -5.80 18.15 10.07
CA ALA A 60 -5.53 18.15 8.61
C ALA A 60 -6.87 18.20 7.87
N ILE A 61 -7.05 19.20 7.01
CA ILE A 61 -8.28 19.32 6.17
C ILE A 61 -7.93 18.96 4.73
N LYS A 62 -8.50 17.85 4.23
CA LYS A 62 -8.49 17.40 2.81
C LYS A 62 -9.64 18.07 2.06
N ILE A 63 -9.31 19.10 1.25
CA ILE A 63 -10.27 19.93 0.46
C ILE A 63 -10.35 19.37 -0.96
N ILE A 64 -11.47 18.70 -1.30
CA ILE A 64 -11.74 18.15 -2.66
C ILE A 64 -12.06 19.31 -3.61
N LYS A 65 -11.50 19.25 -4.82
CA LYS A 65 -11.82 20.17 -5.94
C LYS A 65 -13.33 20.12 -6.22
N ASN A 66 -13.94 21.26 -6.59
CA ASN A 66 -15.39 21.37 -6.94
C ASN A 66 -15.59 20.88 -8.39
N LYS A 67 -15.31 19.60 -8.62
CA LYS A 67 -15.50 18.89 -9.91
C LYS A 67 -16.22 17.57 -9.62
N LYS A 68 -17.24 17.24 -10.41
CA LYS A 68 -18.10 16.04 -10.23
C LYS A 68 -17.19 14.82 -9.91
N ALA A 69 -16.11 14.64 -10.68
CA ALA A 69 -15.29 13.41 -10.68
C ALA A 69 -14.76 13.15 -9.27
N PHE A 70 -14.07 14.15 -8.72
CA PHE A 70 -13.36 14.09 -7.42
C PHE A 70 -14.40 14.05 -6.31
N LEU A 71 -15.42 14.92 -6.38
CA LEU A 71 -16.54 14.95 -5.42
C LEU A 71 -17.13 13.55 -5.25
N ASN A 72 -17.52 12.91 -6.35
CA ASN A 72 -18.19 11.58 -6.33
C ASN A 72 -17.27 10.56 -5.65
N GLN A 73 -15.97 10.61 -5.99
CA GLN A 73 -14.97 9.65 -5.46
C GLN A 73 -14.75 9.97 -3.97
N ALA A 74 -14.73 11.25 -3.63
CA ALA A 74 -14.56 11.75 -2.23
C ALA A 74 -15.77 11.35 -1.40
N GLN A 75 -16.97 11.36 -1.96
CA GLN A 75 -18.21 10.94 -1.26
C GLN A 75 -18.06 9.48 -0.85
N ILE A 76 -17.40 8.68 -1.69
CA ILE A 76 -17.23 7.22 -1.43
C ILE A 76 -16.17 7.07 -0.34
N GLU A 77 -15.10 7.87 -0.37
CA GLU A 77 -14.07 7.90 0.69
C GLU A 77 -14.78 8.14 2.04
N VAL A 78 -15.63 9.16 2.13
CA VAL A 78 -16.35 9.58 3.38
C VAL A 78 -17.28 8.47 3.87
N ARG A 79 -17.97 7.79 2.95
CA ARG A 79 -18.91 6.73 3.38
C ARG A 79 -18.07 5.59 3.99
N LEU A 80 -16.93 5.25 3.37
CA LEU A 80 -16.09 4.10 3.81
C LEU A 80 -15.44 4.44 5.15
N LEU A 81 -15.00 5.68 5.34
CA LEU A 81 -14.35 6.08 6.61
C LEU A 81 -15.39 6.08 7.72
N GLU A 82 -16.57 6.67 7.48
CA GLU A 82 -17.71 6.73 8.45
C GLU A 82 -18.10 5.30 8.83
N LEU A 83 -18.14 4.42 7.82
CA LEU A 83 -18.48 2.99 7.97
C LEU A 83 -17.50 2.35 8.95
N MET A 84 -16.22 2.70 8.87
CA MET A 84 -15.13 2.15 9.73
C MET A 84 -15.29 2.66 11.17
N ASN A 85 -15.62 3.95 11.34
CA ASN A 85 -15.75 4.62 12.67
C ASN A 85 -16.90 4.01 13.46
N LYS A 86 -17.84 3.32 12.79
CA LYS A 86 -18.99 2.58 13.39
C LYS A 86 -18.52 1.29 14.08
N HIS A 87 -17.33 0.77 13.80
CA HIS A 87 -16.82 -0.50 14.39
C HIS A 87 -15.74 -0.22 15.42
N ASP A 88 -16.08 -0.06 16.70
CA ASP A 88 -15.07 0.12 17.78
C ASP A 88 -14.57 -1.26 18.21
N THR A 89 -13.33 -1.56 17.82
CA THR A 89 -12.53 -2.75 18.21
C THR A 89 -11.07 -2.33 18.18
N GLU A 90 -10.16 -3.17 18.70
CA GLU A 90 -8.71 -2.88 18.79
C GLU A 90 -8.16 -2.40 17.42
N MET A 91 -8.59 -3.02 16.32
CA MET A 91 -7.83 -3.04 15.04
C MET A 91 -8.14 -1.81 14.18
N LYS A 92 -9.16 -1.04 14.54
CA LYS A 92 -9.58 0.11 13.70
C LYS A 92 -8.61 1.30 13.85
N TYR A 93 -7.67 1.23 14.79
CA TYR A 93 -6.85 2.42 15.19
C TYR A 93 -5.54 2.44 14.40
N TYR A 94 -5.47 1.69 13.29
CA TYR A 94 -4.35 1.74 12.33
C TYR A 94 -4.77 2.54 11.09
N ILE A 95 -5.95 3.15 11.13
CA ILE A 95 -6.50 3.94 9.99
C ILE A 95 -6.63 5.35 10.49
N VAL A 96 -6.22 6.31 9.66
CA VAL A 96 -6.42 7.75 9.96
C VAL A 96 -7.89 7.92 10.39
N HIS A 97 -8.07 8.63 11.48
CA HIS A 97 -9.40 8.96 12.05
C HIS A 97 -9.95 10.15 11.27
N LEU A 98 -11.09 9.95 10.60
CA LEU A 98 -11.93 11.05 10.06
C LEU A 98 -12.70 11.63 11.24
N LYS A 99 -12.50 12.91 11.54
CA LYS A 99 -13.19 13.61 12.66
C LYS A 99 -14.56 14.10 12.16
N ARG A 100 -14.56 14.82 11.06
CA ARG A 100 -15.82 15.25 10.42
C ARG A 100 -15.54 15.68 8.99
N HIS A 101 -16.61 15.90 8.24
CA HIS A 101 -16.61 16.38 6.84
C HIS A 101 -17.72 17.42 6.73
N PHE A 102 -17.56 18.35 5.80
CA PHE A 102 -18.57 19.40 5.57
C PHE A 102 -18.36 20.00 4.19
N MET A 103 -19.37 20.68 3.66
CA MET A 103 -19.28 21.41 2.37
C MET A 103 -18.92 22.87 2.68
N PHE A 104 -18.06 23.50 1.89
CA PHE A 104 -17.78 24.95 2.04
C PHE A 104 -17.23 25.52 0.72
N ARG A 105 -17.68 26.72 0.35
CA ARG A 105 -17.27 27.42 -0.92
C ARG A 105 -17.37 26.40 -2.07
N ASN A 106 -18.34 25.48 -1.95
CA ASN A 106 -18.70 24.48 -2.99
C ASN A 106 -17.67 23.33 -3.07
N HIS A 107 -16.79 23.18 -2.08
CA HIS A 107 -15.78 22.08 -2.00
C HIS A 107 -16.16 21.13 -0.84
N LEU A 108 -16.09 19.81 -1.07
CA LEU A 108 -16.21 18.84 0.06
C LEU A 108 -14.88 18.87 0.82
N CYS A 109 -14.94 18.97 2.15
CA CYS A 109 -13.77 19.12 3.05
C CYS A 109 -13.82 17.97 4.05
N LEU A 110 -12.77 17.14 4.08
CA LEU A 110 -12.61 16.06 5.09
C LEU A 110 -11.61 16.52 6.18
N VAL A 111 -12.01 16.47 7.44
CA VAL A 111 -11.16 16.85 8.61
C VAL A 111 -10.65 15.56 9.25
N PHE A 112 -9.32 15.41 9.28
CA PHE A 112 -8.62 14.27 9.93
C PHE A 112 -7.72 14.77 11.05
N GLU A 113 -7.35 13.86 11.95
CA GLU A 113 -6.32 14.08 12.99
C GLU A 113 -5.01 14.43 12.27
N MET A 114 -4.20 15.33 12.83
CA MET A 114 -2.87 15.63 12.23
C MET A 114 -2.01 14.37 12.36
N LEU A 115 -1.23 14.03 11.33
CA LEU A 115 -0.20 12.97 11.39
C LEU A 115 1.12 13.58 10.91
N SER A 116 2.19 12.77 10.89
CA SER A 116 3.54 13.26 10.55
C SER A 116 3.88 12.87 9.13
N TYR A 117 5.16 12.58 8.87
CA TYR A 117 5.66 12.31 7.51
C TYR A 117 5.37 10.84 7.16
N ASN A 118 5.51 10.51 5.87
CA ASN A 118 5.09 9.19 5.35
C ASN A 118 6.35 8.37 5.12
N LEU A 119 6.16 7.08 4.92
CA LEU A 119 7.24 6.08 4.82
C LEU A 119 8.09 6.33 3.58
N TYR A 120 7.63 7.14 2.61
CA TYR A 120 8.49 7.49 1.45
C TYR A 120 9.56 8.46 1.95
N ASP A 121 9.12 9.51 2.66
CA ASP A 121 10.03 10.53 3.22
C ASP A 121 11.03 9.81 4.11
N LEU A 122 10.55 8.83 4.89
CA LEU A 122 11.42 8.04 5.79
C LEU A 122 12.50 7.39 4.91
N LEU A 123 12.10 6.72 3.84
CA LEU A 123 13.06 6.09 2.90
C LEU A 123 14.00 7.18 2.37
N ARG A 124 13.45 8.32 1.93
CA ARG A 124 14.23 9.50 1.42
C ARG A 124 15.31 9.87 2.44
N ASN A 125 14.94 10.01 3.72
CA ASN A 125 15.85 10.37 4.84
C ASN A 125 17.00 9.34 5.05
N THR A 126 16.79 8.04 4.77
CA THR A 126 17.84 6.99 4.85
C THR A 126 18.68 6.95 3.56
N ASN A 127 18.51 7.94 2.66
CA ASN A 127 19.17 7.97 1.33
C ASN A 127 18.88 6.66 0.58
N PHE A 128 17.65 6.15 0.68
CA PHE A 128 17.14 4.88 0.07
C PHE A 128 18.10 3.73 0.40
N ARG A 129 18.54 3.64 1.65
CA ARG A 129 19.36 2.52 2.14
C ARG A 129 18.45 1.56 2.91
N GLY A 130 17.25 2.02 3.26
CA GLY A 130 16.23 1.19 3.91
C GLY A 130 16.35 1.26 5.42
N VAL A 131 15.30 0.85 6.13
CA VAL A 131 15.26 0.78 7.62
C VAL A 131 15.51 -0.67 8.02
N SER A 132 15.76 -0.90 9.31
CA SER A 132 16.21 -2.20 9.84
C SER A 132 15.08 -3.23 9.66
N LEU A 133 15.44 -4.51 9.60
CA LEU A 133 14.48 -5.64 9.67
C LEU A 133 13.60 -5.47 10.91
N ASN A 134 14.16 -4.98 12.02
CA ASN A 134 13.40 -4.79 13.28
C ASN A 134 12.34 -3.71 13.07
N LEU A 135 12.64 -2.64 12.37
CA LEU A 135 11.65 -1.56 12.18
C LEU A 135 10.66 -1.99 11.10
N THR A 136 11.16 -2.61 10.04
CA THR A 136 10.31 -3.20 8.98
C THR A 136 9.24 -4.09 9.63
N ARG A 137 9.63 -4.94 10.59
CA ARG A 137 8.70 -5.86 11.30
C ARG A 137 7.59 -5.08 12.02
N LYS A 138 7.93 -3.98 12.70
CA LYS A 138 6.97 -3.13 13.44
C LYS A 138 5.97 -2.50 12.46
N PHE A 139 6.43 -2.04 11.30
CA PHE A 139 5.54 -1.52 10.24
C PHE A 139 4.65 -2.68 9.78
N ALA A 140 5.27 -3.83 9.47
CA ALA A 140 4.58 -5.00 8.88
C ALA A 140 3.40 -5.40 9.75
N GLN A 141 3.66 -5.58 11.06
CA GLN A 141 2.64 -6.01 12.06
C GLN A 141 1.49 -5.01 12.12
N GLN A 142 1.77 -3.70 12.15
CA GLN A 142 0.74 -2.64 12.13
C GLN A 142 -0.11 -2.70 10.84
N MET A 143 0.53 -2.86 9.69
CA MET A 143 -0.16 -2.88 8.37
C MET A 143 -0.99 -4.16 8.27
N CYS A 144 -0.49 -5.30 8.75
CA CYS A 144 -1.23 -6.56 8.68
C CYS A 144 -2.49 -6.42 9.53
N THR A 145 -2.40 -5.67 10.62
CA THR A 145 -3.52 -5.45 11.58
C THR A 145 -4.58 -4.59 10.89
N ALA A 146 -4.19 -3.48 10.29
CA ALA A 146 -5.07 -2.66 9.40
C ALA A 146 -5.82 -3.55 8.39
N LEU A 147 -5.09 -4.38 7.63
CA LEU A 147 -5.68 -5.24 6.57
C LEU A 147 -6.72 -6.18 7.20
N LEU A 148 -6.39 -6.80 8.34
CA LEU A 148 -7.34 -7.67 9.09
C LEU A 148 -8.60 -6.88 9.46
N PHE A 149 -8.47 -5.61 9.86
CA PHE A 149 -9.62 -4.74 10.22
C PHE A 149 -10.47 -4.47 8.99
N LEU A 150 -9.84 -4.16 7.85
CA LEU A 150 -10.59 -3.82 6.61
C LEU A 150 -11.29 -5.07 6.05
N ALA A 151 -10.76 -6.26 6.35
CA ALA A 151 -11.30 -7.58 5.93
C ALA A 151 -12.49 -8.01 6.82
N THR A 152 -12.94 -7.14 7.72
CA THR A 152 -14.19 -7.33 8.51
C THR A 152 -15.35 -7.52 7.54
N PRO A 153 -16.10 -8.65 7.61
CA PRO A 153 -17.11 -8.93 6.59
C PRO A 153 -18.01 -7.73 6.28
N GLU A 154 -18.55 -7.08 7.30
CA GLU A 154 -19.51 -5.94 7.13
C GLU A 154 -18.76 -4.72 6.56
N LEU A 155 -17.41 -4.70 6.62
CA LEU A 155 -16.56 -3.63 5.99
C LEU A 155 -16.15 -4.08 4.58
N SER A 156 -15.24 -5.05 4.53
CA SER A 156 -14.71 -5.67 3.29
C SER A 156 -14.18 -4.59 2.34
N ILE A 157 -13.30 -3.72 2.84
CA ILE A 157 -12.79 -2.56 2.05
C ILE A 157 -11.41 -2.89 1.47
N ILE A 158 -11.27 -2.69 0.16
CA ILE A 158 -10.01 -2.80 -0.61
C ILE A 158 -9.48 -1.38 -0.69
N HIS A 159 -8.25 -1.16 -0.22
CA HIS A 159 -7.61 0.18 -0.23
C HIS A 159 -7.41 0.62 -1.69
N CYS A 160 -6.81 -0.26 -2.50
CA CYS A 160 -6.55 -0.13 -3.96
C CYS A 160 -5.35 0.76 -4.27
N ASP A 161 -4.74 1.46 -3.29
CA ASP A 161 -3.58 2.36 -3.53
C ASP A 161 -2.59 2.33 -2.33
N LEU A 162 -2.29 1.13 -1.82
CA LEU A 162 -1.26 0.95 -0.76
C LEU A 162 0.10 1.27 -1.34
N LYS A 163 0.80 2.21 -0.72
CA LYS A 163 2.21 2.50 -1.04
C LYS A 163 2.84 3.32 0.07
N PRO A 164 4.18 3.40 0.13
CA PRO A 164 4.86 4.12 1.22
C PRO A 164 4.25 5.50 1.52
N GLU A 165 3.90 6.26 0.46
CA GLU A 165 3.44 7.68 0.54
C GLU A 165 2.08 7.80 1.27
N ASN A 166 1.33 6.70 1.33
CA ASN A 166 -0.04 6.62 1.89
C ASN A 166 0.02 5.89 3.21
N ILE A 167 1.21 5.72 3.78
CA ILE A 167 1.39 5.25 5.19
C ILE A 167 2.18 6.31 5.96
N LEU A 168 1.57 6.91 6.98
CA LEU A 168 2.14 8.07 7.72
C LEU A 168 2.55 7.66 9.14
N LEU A 169 3.60 8.32 9.64
CA LEU A 169 3.96 8.24 11.08
C LEU A 169 2.98 9.09 11.86
N CYS A 170 2.51 8.55 13.00
CA CYS A 170 1.60 9.24 13.97
C CYS A 170 2.30 10.39 14.72
N ASN A 171 3.65 10.37 14.77
CA ASN A 171 4.55 11.23 15.59
C ASN A 171 5.98 11.01 15.07
N PRO A 172 6.72 12.09 14.73
CA PRO A 172 8.07 11.93 14.14
C PRO A 172 9.11 11.26 15.05
N LYS A 173 8.89 11.26 16.38
CA LYS A 173 9.75 10.54 17.37
C LYS A 173 9.52 9.00 17.33
N ARG A 174 8.38 8.49 16.83
CA ARG A 174 7.93 7.10 17.12
C ARG A 174 7.64 6.31 15.83
N SER A 175 7.40 5.01 15.96
CA SER A 175 7.23 4.00 14.86
C SER A 175 5.75 3.60 14.67
N ALA A 176 4.81 4.24 15.37
CA ALA A 176 3.37 4.06 15.15
C ALA A 176 3.01 4.60 13.76
N ILE A 177 2.22 3.84 13.01
CA ILE A 177 1.81 4.21 11.63
C ILE A 177 0.29 4.07 11.46
N LYS A 178 -0.22 4.80 10.46
CA LYS A 178 -1.64 4.83 10.06
C LYS A 178 -1.75 5.01 8.54
N ILE A 179 -2.70 4.32 7.93
CA ILE A 179 -2.99 4.39 6.47
C ILE A 179 -3.90 5.58 6.22
N VAL A 180 -3.74 6.18 5.03
CA VAL A 180 -4.51 7.36 4.55
C VAL A 180 -4.91 7.14 3.08
N ASP A 181 -5.69 8.08 2.53
CA ASP A 181 -6.11 8.17 1.10
C ASP A 181 -6.95 6.94 0.75
N PHE A 182 -8.23 6.99 1.07
CA PHE A 182 -9.23 5.96 0.68
C PHE A 182 -9.99 6.45 -0.57
N GLY A 183 -9.33 7.33 -1.34
CA GLY A 183 -9.83 7.94 -2.59
C GLY A 183 -10.13 6.94 -3.69
N SER A 184 -9.43 5.80 -3.73
CA SER A 184 -9.59 4.74 -4.75
C SER A 184 -10.31 3.54 -4.14
N SER A 185 -10.63 3.60 -2.84
CA SER A 185 -11.10 2.39 -2.09
C SER A 185 -12.50 2.02 -2.54
N CYS A 186 -12.82 0.74 -2.49
CA CYS A 186 -14.16 0.21 -2.83
C CYS A 186 -14.42 -1.03 -1.98
N GLN A 187 -15.68 -1.28 -1.62
CA GLN A 187 -16.06 -2.51 -0.87
C GLN A 187 -16.02 -3.69 -1.81
N LEU A 188 -15.92 -4.90 -1.28
CA LEU A 188 -15.93 -6.08 -2.17
C LEU A 188 -17.23 -6.04 -2.98
N GLY A 189 -17.14 -6.28 -4.29
CA GLY A 189 -18.26 -6.13 -5.24
C GLY A 189 -18.85 -4.71 -5.29
N GLN A 190 -18.03 -3.66 -5.17
CA GLN A 190 -18.37 -2.27 -5.59
C GLN A 190 -17.25 -1.71 -6.48
N ARG A 191 -16.56 -2.59 -7.20
CA ARG A 191 -15.41 -2.23 -8.08
C ARG A 191 -15.92 -1.26 -9.13
N ILE A 192 -15.20 -0.18 -9.39
CA ILE A 192 -15.60 0.79 -10.46
C ILE A 192 -14.63 0.63 -11.61
N TYR A 193 -13.36 0.98 -11.36
CA TYR A 193 -12.28 0.99 -12.37
C TYR A 193 -11.51 -0.32 -12.25
N GLN A 194 -11.03 -0.85 -13.37
CA GLN A 194 -10.21 -2.09 -13.41
C GLN A 194 -8.73 -1.70 -13.42
N PTR A 195 -8.41 -0.48 -13.89
CA PTR A 195 -7.07 0.04 -13.78
C PTR A 195 -6.90 0.75 -12.44
O PTR A 195 -7.11 1.95 -12.35
CB PTR A 195 -6.82 1.04 -14.90
CG PTR A 195 -5.38 1.41 -15.13
CD1 PTR A 195 -4.86 2.65 -14.75
CD2 PTR A 195 -4.55 0.54 -15.78
CE1 PTR A 195 -3.54 3.00 -14.99
CE2 PTR A 195 -3.23 0.87 -16.05
CZ PTR A 195 -2.74 2.10 -15.65
OH PTR A 195 -1.43 2.30 -16.00
P PTR A 195 -0.40 3.18 -15.26
O1P PTR A 195 -0.57 4.57 -15.76
O2P PTR A 195 -0.67 3.10 -13.77
O3P PTR A 195 0.97 2.65 -15.63
N ILE A 196 -6.54 0.00 -11.39
CA ILE A 196 -6.36 0.57 -10.07
C ILE A 196 -4.94 0.26 -9.58
N GLN A 197 -4.55 0.82 -8.44
CA GLN A 197 -3.25 0.64 -7.72
C GLN A 197 -2.14 1.44 -8.39
N SER A 198 -1.16 1.94 -7.61
CA SER A 198 0.08 2.53 -8.15
C SER A 198 0.89 1.44 -8.85
N ARG A 199 1.53 1.78 -9.96
CA ARG A 199 2.06 0.74 -10.88
C ARG A 199 2.99 -0.16 -10.09
N PHE A 200 3.89 0.43 -9.31
CA PHE A 200 4.99 -0.30 -8.62
C PHE A 200 4.39 -1.38 -7.71
N TYR A 201 3.18 -1.11 -7.19
CA TYR A 201 2.49 -1.91 -6.16
C TYR A 201 1.25 -2.61 -6.75
N ARG A 202 1.06 -2.56 -8.07
CA ARG A 202 -0.07 -3.24 -8.75
C ARG A 202 0.11 -4.77 -8.72
N SER A 203 -0.93 -5.48 -8.31
CA SER A 203 -1.01 -6.96 -8.20
C SER A 203 -1.12 -7.58 -9.60
N PRO A 204 -0.73 -8.87 -9.77
CA PRO A 204 -0.83 -9.55 -11.06
C PRO A 204 -2.27 -9.57 -11.62
N GLU A 205 -3.20 -10.01 -10.78
CA GLU A 205 -4.66 -10.03 -11.03
C GLU A 205 -5.13 -8.69 -11.67
N VAL A 206 -4.70 -7.55 -11.15
CA VAL A 206 -5.13 -6.23 -11.68
C VAL A 206 -4.39 -5.96 -13.00
N LEU A 207 -3.11 -6.35 -13.09
CA LEU A 207 -2.29 -6.23 -14.34
C LEU A 207 -2.96 -7.06 -15.44
N LEU A 208 -3.47 -8.25 -15.09
CA LEU A 208 -4.09 -9.24 -16.01
C LEU A 208 -5.56 -8.90 -16.28
N GLY A 209 -6.07 -7.79 -15.77
CA GLY A 209 -7.46 -7.33 -16.00
C GLY A 209 -8.51 -8.29 -15.43
N MET A 210 -8.17 -9.02 -14.37
CA MET A 210 -9.09 -9.95 -13.67
C MET A 210 -9.86 -9.16 -12.60
N PRO A 211 -10.98 -9.71 -12.09
CA PRO A 211 -11.72 -9.06 -11.00
C PRO A 211 -10.93 -9.16 -9.70
N TYR A 212 -10.96 -8.14 -8.85
CA TYR A 212 -10.03 -8.06 -7.70
C TYR A 212 -10.79 -8.06 -6.37
N ASP A 213 -10.16 -8.65 -5.36
CA ASP A 213 -10.63 -8.74 -3.96
C ASP A 213 -9.59 -8.07 -3.02
N LEU A 214 -9.61 -8.37 -1.71
CA LEU A 214 -8.76 -7.65 -0.72
C LEU A 214 -7.32 -8.15 -0.82
N ALA A 215 -7.08 -9.26 -1.52
CA ALA A 215 -5.74 -9.87 -1.68
C ALA A 215 -4.79 -8.91 -2.38
N ILE A 216 -5.27 -7.97 -3.20
CA ILE A 216 -4.39 -7.02 -3.94
C ILE A 216 -3.64 -6.13 -2.93
N ASP A 217 -4.22 -5.81 -1.78
CA ASP A 217 -3.57 -4.96 -0.76
C ASP A 217 -2.44 -5.77 -0.11
N MET A 218 -2.65 -7.06 0.09
CA MET A 218 -1.63 -7.94 0.70
C MET A 218 -0.43 -7.94 -0.25
N TRP A 219 -0.67 -8.09 -1.56
CA TRP A 219 0.38 -8.05 -2.62
C TRP A 219 1.19 -6.75 -2.49
N SER A 220 0.49 -5.62 -2.50
CA SER A 220 1.08 -4.28 -2.30
C SER A 220 1.92 -4.28 -1.04
N LEU A 221 1.42 -4.84 0.07
CA LEU A 221 2.15 -4.81 1.38
C LEU A 221 3.50 -5.54 1.24
N GLY A 222 3.49 -6.74 0.64
CA GLY A 222 4.71 -7.47 0.23
C GLY A 222 5.71 -6.54 -0.46
N CYS A 223 5.29 -5.96 -1.57
CA CYS A 223 6.15 -5.04 -2.36
C CYS A 223 6.69 -3.98 -1.41
N ILE A 224 5.86 -3.45 -0.52
CA ILE A 224 6.21 -2.26 0.32
C ILE A 224 7.31 -2.65 1.31
N LEU A 225 7.13 -3.78 2.00
CA LEU A 225 8.00 -4.15 3.15
C LEU A 225 9.41 -4.38 2.64
N VAL A 226 9.55 -5.09 1.50
CA VAL A 226 10.87 -5.34 0.87
C VAL A 226 11.51 -3.96 0.65
N GLU A 227 10.76 -3.02 0.08
CA GLU A 227 11.27 -1.67 -0.30
C GLU A 227 11.67 -0.93 0.99
N MET A 228 10.96 -1.10 2.09
CA MET A 228 11.33 -0.36 3.31
C MET A 228 12.71 -0.80 3.78
N HIS A 229 13.08 -2.07 3.54
CA HIS A 229 14.33 -2.66 4.09
C HIS A 229 15.52 -2.48 3.14
N THR A 230 15.28 -2.60 1.83
CA THR A 230 16.31 -2.46 0.75
C THR A 230 16.48 -1.00 0.34
N GLY A 231 15.42 -0.20 0.45
CA GLY A 231 15.41 1.24 0.09
C GLY A 231 14.86 1.50 -1.31
N GLU A 232 14.86 0.49 -2.18
CA GLU A 232 14.45 0.66 -3.59
C GLU A 232 13.19 -0.18 -3.82
N PRO A 233 12.30 0.25 -4.74
CA PRO A 233 11.12 -0.54 -5.07
C PRO A 233 11.51 -1.96 -5.46
N LEU A 234 10.68 -2.94 -5.13
CA LEU A 234 10.89 -4.36 -5.55
C LEU A 234 10.70 -4.49 -7.07
N PHE A 235 9.64 -3.90 -7.63
CA PHE A 235 9.25 -3.99 -9.06
C PHE A 235 8.91 -2.59 -9.57
N SER A 236 9.86 -1.95 -10.23
CA SER A 236 9.72 -0.53 -10.66
C SER A 236 9.51 -0.49 -12.16
N GLY A 237 8.44 -1.12 -12.62
CA GLY A 237 8.00 -1.10 -14.02
C GLY A 237 7.74 0.33 -14.48
N ALA A 238 8.28 0.70 -15.64
CA ALA A 238 8.08 2.02 -16.28
C ALA A 238 6.75 2.00 -17.04
N ASN A 239 6.15 0.82 -17.15
CA ASN A 239 4.79 0.63 -17.70
C ASN A 239 4.33 -0.80 -17.37
N GLU A 240 3.07 -1.12 -17.68
CA GLU A 240 2.44 -2.40 -17.28
C GLU A 240 3.24 -3.59 -17.83
N VAL A 241 3.76 -3.48 -19.05
CA VAL A 241 4.52 -4.59 -19.69
C VAL A 241 5.85 -4.72 -18.95
N ASP A 242 6.48 -3.59 -18.64
CA ASP A 242 7.74 -3.57 -17.86
C ASP A 242 7.49 -4.23 -16.49
N GLN A 243 6.51 -3.67 -15.75
CA GLN A 243 6.08 -4.08 -14.38
C GLN A 243 5.97 -5.60 -14.34
N MET A 244 5.18 -6.18 -15.25
CA MET A 244 4.91 -7.64 -15.28
C MET A 244 6.22 -8.41 -15.52
N ASN A 245 7.15 -7.86 -16.31
CA ASN A 245 8.43 -8.56 -16.57
C ASN A 245 9.31 -8.54 -15.31
N LYS A 246 9.28 -7.45 -14.54
CA LYS A 246 10.13 -7.32 -13.32
C LYS A 246 9.57 -8.26 -12.27
N ILE A 247 8.27 -8.54 -12.30
CA ILE A 247 7.61 -9.54 -11.40
C ILE A 247 8.07 -10.95 -11.81
N VAL A 248 8.03 -11.23 -13.12
CA VAL A 248 8.36 -12.56 -13.70
C VAL A 248 9.84 -12.85 -13.42
N GLU A 249 10.72 -11.84 -13.45
CA GLU A 249 12.16 -11.97 -13.10
C GLU A 249 12.32 -12.73 -11.77
N VAL A 250 11.46 -12.41 -10.79
CA VAL A 250 11.59 -12.88 -9.38
C VAL A 250 10.72 -14.11 -9.14
N LEU A 251 9.55 -14.19 -9.75
CA LEU A 251 8.51 -15.18 -9.34
C LEU A 251 8.26 -16.20 -10.46
N GLY A 252 8.80 -15.98 -11.65
CA GLY A 252 8.63 -16.91 -12.79
C GLY A 252 7.33 -16.66 -13.51
N ILE A 253 6.94 -17.61 -14.37
CA ILE A 253 5.65 -17.57 -15.12
C ILE A 253 4.52 -17.82 -14.13
N PRO A 254 3.42 -17.04 -14.21
CA PRO A 254 2.22 -17.29 -13.41
C PRO A 254 1.54 -18.62 -13.74
N PRO A 255 0.91 -19.33 -12.78
CA PRO A 255 0.27 -20.61 -13.05
C PRO A 255 -0.76 -20.60 -14.19
N ALA A 256 -0.69 -21.65 -15.02
CA ALA A 256 -1.55 -21.89 -16.19
C ALA A 256 -2.98 -21.45 -15.87
N HIS A 257 -3.54 -21.96 -14.76
CA HIS A 257 -4.97 -21.80 -14.39
C HIS A 257 -5.29 -20.32 -14.17
N ILE A 258 -4.32 -19.52 -13.71
CA ILE A 258 -4.53 -18.07 -13.51
C ILE A 258 -4.53 -17.40 -14.89
N LEU A 259 -3.66 -17.82 -15.81
CA LEU A 259 -3.49 -17.16 -17.15
C LEU A 259 -4.62 -17.55 -18.11
N ASP A 260 -5.12 -18.79 -17.98
CA ASP A 260 -6.23 -19.34 -18.79
C ASP A 260 -7.48 -18.48 -18.56
N GLN A 261 -7.64 -17.93 -17.35
CA GLN A 261 -8.84 -17.16 -16.92
C GLN A 261 -8.61 -15.65 -17.07
N ALA A 262 -7.39 -15.23 -17.41
CA ALA A 262 -6.99 -13.81 -17.40
C ALA A 262 -7.38 -13.16 -18.71
N PRO A 263 -8.16 -12.04 -18.68
CA PRO A 263 -8.51 -11.26 -19.88
C PRO A 263 -7.38 -10.56 -20.61
N LYS A 264 -6.29 -10.26 -19.93
CA LYS A 264 -5.16 -9.54 -20.57
C LYS A 264 -3.91 -10.39 -20.45
N ALA A 265 -4.07 -11.71 -20.41
CA ALA A 265 -2.95 -12.67 -20.37
C ALA A 265 -2.03 -12.40 -21.58
N ARG A 266 -2.64 -12.07 -22.72
CA ARG A 266 -1.99 -11.97 -24.04
C ARG A 266 -1.38 -10.58 -24.25
N LYS A 267 -1.38 -9.73 -23.21
CA LYS A 267 -0.61 -8.46 -23.19
C LYS A 267 0.84 -8.81 -22.85
N PHE A 268 1.06 -9.97 -22.22
CA PHE A 268 2.33 -10.28 -21.51
C PHE A 268 2.86 -11.64 -21.94
N PHE A 269 1.96 -12.59 -22.19
CA PHE A 269 2.31 -14.03 -22.39
C PHE A 269 1.68 -14.55 -23.68
N GLU A 270 2.12 -15.74 -24.11
CA GLU A 270 1.60 -16.47 -25.29
C GLU A 270 1.36 -17.93 -24.85
N LYS A 271 0.26 -18.52 -25.30
CA LYS A 271 -0.11 -19.92 -24.98
C LYS A 271 0.27 -20.79 -26.18
N LEU A 272 0.79 -21.99 -25.93
CA LEU A 272 1.17 -23.00 -26.95
C LEU A 272 0.49 -24.32 -26.60
N PRO A 273 0.70 -25.42 -27.36
CA PRO A 273 0.10 -26.71 -27.00
C PRO A 273 0.93 -27.27 -25.83
N ASP A 274 2.14 -27.74 -26.12
CA ASP A 274 3.15 -28.19 -25.12
C ASP A 274 3.74 -26.96 -24.43
N GLY A 275 4.20 -27.09 -23.18
CA GLY A 275 4.68 -25.97 -22.34
C GLY A 275 3.72 -24.80 -22.43
N THR A 276 2.49 -25.01 -21.94
CA THR A 276 1.29 -24.14 -22.15
C THR A 276 1.67 -22.65 -22.23
N TRP A 277 2.32 -22.03 -21.22
CA TRP A 277 2.47 -20.55 -21.16
C TRP A 277 3.93 -20.10 -21.13
N ASN A 278 4.23 -18.95 -21.75
CA ASN A 278 5.59 -18.37 -21.88
C ASN A 278 5.48 -16.85 -22.12
N LEU A 279 6.58 -16.12 -21.98
CA LEU A 279 6.59 -14.65 -22.15
C LEU A 279 6.47 -14.26 -23.64
N LYS A 280 5.90 -13.09 -23.92
CA LYS A 280 6.01 -12.42 -25.25
C LYS A 280 7.32 -11.62 -25.26
N LYS A 281 8.38 -12.19 -25.83
CA LYS A 281 9.71 -11.51 -25.96
C LYS A 281 9.54 -10.24 -26.82
N THR A 282 10.18 -9.13 -26.44
CA THR A 282 10.26 -7.87 -27.24
C THR A 282 11.71 -7.70 -27.73
N LYS A 283 12.15 -6.47 -28.03
CA LYS A 283 13.49 -6.18 -28.61
C LYS A 283 14.52 -6.09 -27.46
N ASP A 284 15.29 -7.15 -27.23
CA ASP A 284 16.36 -7.22 -26.20
C ASP A 284 17.52 -8.06 -26.74
N TYR A 289 15.71 -8.28 -19.48
CA TYR A 289 15.47 -8.78 -18.09
C TYR A 289 16.07 -10.17 -17.93
N LYS A 290 16.26 -10.61 -16.69
CA LYS A 290 16.74 -11.98 -16.37
C LYS A 290 15.66 -13.00 -16.70
N PRO A 291 16.03 -14.30 -16.86
CA PRO A 291 15.04 -15.33 -17.16
C PRO A 291 14.09 -15.52 -15.99
N PRO A 292 12.81 -15.87 -16.28
CA PRO A 292 11.81 -16.15 -15.25
C PRO A 292 12.34 -16.80 -13.97
N GLY A 293 12.05 -16.18 -12.83
CA GLY A 293 12.24 -16.75 -11.48
C GLY A 293 13.70 -16.89 -11.09
N THR A 294 14.60 -16.14 -11.72
CA THR A 294 16.05 -16.26 -11.47
C THR A 294 16.54 -15.15 -10.53
N ARG A 295 16.07 -13.91 -10.67
CA ARG A 295 16.36 -12.83 -9.69
C ARG A 295 15.75 -13.25 -8.34
N LYS A 296 16.48 -14.05 -7.56
CA LYS A 296 15.92 -14.69 -6.35
C LYS A 296 15.75 -13.60 -5.28
N LEU A 297 14.61 -13.64 -4.59
CA LEU A 297 14.31 -12.73 -3.45
C LEU A 297 15.42 -12.92 -2.41
N HIS A 298 15.90 -14.16 -2.28
CA HIS A 298 17.02 -14.58 -1.40
C HIS A 298 18.15 -13.57 -1.52
N ASN A 299 18.53 -13.21 -2.75
CA ASN A 299 19.71 -12.36 -3.06
C ASN A 299 19.31 -10.89 -2.95
N ILE A 300 18.08 -10.55 -3.36
CA ILE A 300 17.53 -9.18 -3.25
C ILE A 300 17.61 -8.74 -1.79
N LEU A 301 17.18 -9.61 -0.89
CA LEU A 301 17.17 -9.35 0.57
C LEU A 301 18.61 -9.37 1.10
N GLY A 302 19.51 -10.15 0.46
CA GLY A 302 20.83 -10.53 1.01
C GLY A 302 20.73 -11.41 2.26
N VAL A 303 19.88 -12.43 2.20
CA VAL A 303 19.60 -13.38 3.32
C VAL A 303 20.94 -13.91 3.88
N GLU A 304 21.86 -14.30 2.99
CA GLU A 304 23.09 -15.07 3.32
C GLU A 304 24.33 -14.21 3.11
N THR A 305 24.17 -12.89 2.88
CA THR A 305 25.26 -12.00 2.42
C THR A 305 25.24 -10.69 3.24
N GLY A 306 24.70 -10.72 4.46
CA GLY A 306 24.69 -9.58 5.40
C GLY A 306 23.67 -8.52 5.01
N GLY A 307 22.46 -8.92 4.57
CA GLY A 307 21.33 -8.02 4.25
C GLY A 307 21.54 -7.21 2.96
N PRO A 308 20.67 -6.21 2.66
CA PRO A 308 20.73 -5.47 1.40
C PRO A 308 22.05 -4.71 1.24
N GLY A 309 22.78 -4.97 0.14
CA GLY A 309 24.14 -4.46 -0.16
C GLY A 309 25.17 -4.86 0.90
N GLY A 310 24.93 -5.96 1.62
CA GLY A 310 25.75 -6.41 2.77
C GLY A 310 25.80 -5.42 3.94
N ARG A 311 24.93 -4.39 3.97
CA ARG A 311 25.05 -3.22 4.88
C ARG A 311 24.65 -3.58 6.31
N ARG A 312 24.11 -4.78 6.53
CA ARG A 312 23.55 -5.23 7.83
C ARG A 312 24.44 -6.33 8.44
N ALA A 313 25.63 -6.55 7.87
CA ALA A 313 26.64 -7.56 8.28
C ALA A 313 26.87 -7.45 9.79
N GLY A 314 26.42 -8.47 10.55
CA GLY A 314 26.69 -8.62 12.00
C GLY A 314 25.83 -7.72 12.89
N GLU A 315 24.94 -6.90 12.33
CA GLU A 315 23.90 -6.17 13.13
C GLU A 315 22.96 -7.20 13.74
N SER A 316 22.50 -7.01 14.99
CA SER A 316 21.59 -7.96 15.68
C SER A 316 20.19 -7.85 15.07
N GLY A 317 19.38 -8.91 15.21
CA GLY A 317 18.05 -9.03 14.57
C GLY A 317 18.15 -9.12 13.06
N HIS A 318 19.36 -9.34 12.52
CA HIS A 318 19.61 -9.51 11.07
C HIS A 318 20.33 -10.85 10.86
N THR A 319 20.06 -11.82 11.75
CA THR A 319 20.59 -13.21 11.65
C THR A 319 19.89 -13.87 10.46
N VAL A 320 20.49 -14.91 9.90
CA VAL A 320 19.93 -15.61 8.70
C VAL A 320 18.55 -16.18 9.07
N ALA A 321 18.38 -16.72 10.27
CA ALA A 321 17.09 -17.21 10.81
C ALA A 321 16.01 -16.13 10.70
N ASP A 322 16.34 -14.89 11.12
CA ASP A 322 15.47 -13.70 11.04
C ASP A 322 15.14 -13.37 9.55
N TYR A 323 16.14 -13.39 8.66
CA TYR A 323 15.94 -13.06 7.23
C TYR A 323 15.04 -14.11 6.57
N LEU A 324 15.23 -15.38 6.89
CA LEU A 324 14.52 -16.47 6.19
C LEU A 324 13.03 -16.41 6.53
N LYS A 325 12.71 -16.12 7.79
CA LYS A 325 11.30 -15.94 8.26
C LYS A 325 10.64 -14.85 7.41
N PHE A 326 11.31 -13.70 7.23
CA PHE A 326 10.84 -12.55 6.42
C PHE A 326 10.65 -12.99 4.95
N LYS A 327 11.69 -13.56 4.35
CA LYS A 327 11.61 -14.10 2.96
C LYS A 327 10.38 -15.02 2.82
N ASP A 328 10.16 -15.93 3.76
CA ASP A 328 8.98 -16.84 3.68
C ASP A 328 7.72 -15.97 3.62
N LEU A 329 7.49 -15.14 4.64
CA LEU A 329 6.27 -14.29 4.76
C LEU A 329 6.12 -13.46 3.49
N ILE A 330 7.20 -12.84 3.00
CA ILE A 330 7.09 -11.99 1.78
C ILE A 330 6.58 -12.87 0.65
N LEU A 331 7.17 -14.04 0.46
CA LEU A 331 6.81 -14.91 -0.70
C LEU A 331 5.37 -15.38 -0.57
N ARG A 332 4.88 -15.58 0.65
CA ARG A 332 3.47 -15.95 0.90
C ARG A 332 2.58 -14.75 0.51
N MET A 333 3.08 -13.51 0.69
CA MET A 333 2.36 -12.26 0.35
C MET A 333 2.39 -12.06 -1.17
N LEU A 334 3.42 -12.55 -1.85
CA LEU A 334 3.56 -12.40 -3.32
C LEU A 334 3.12 -13.68 -4.02
N ASP A 335 2.18 -14.43 -3.43
CA ASP A 335 1.58 -15.58 -4.13
C ASP A 335 0.88 -15.00 -5.35
N TYR A 336 1.09 -15.62 -6.52
CA TYR A 336 0.38 -15.27 -7.77
C TYR A 336 -1.12 -15.49 -7.57
N ASP A 337 -1.47 -16.59 -6.91
CA ASP A 337 -2.88 -17.01 -6.71
C ASP A 337 -3.47 -16.23 -5.52
N PRO A 338 -4.41 -15.29 -5.76
CA PRO A 338 -5.02 -14.52 -4.68
C PRO A 338 -5.91 -15.31 -3.70
N LYS A 339 -6.37 -16.50 -4.11
CA LYS A 339 -7.26 -17.33 -3.26
C LYS A 339 -6.36 -18.09 -2.28
N THR A 340 -5.10 -18.38 -2.65
CA THR A 340 -4.15 -19.09 -1.76
C THR A 340 -3.14 -18.09 -1.20
N ARG A 341 -3.12 -16.85 -1.71
CA ARG A 341 -2.27 -15.77 -1.10
C ARG A 341 -2.66 -15.59 0.38
N ILE A 342 -1.64 -15.36 1.23
CA ILE A 342 -1.78 -15.29 2.71
C ILE A 342 -2.73 -14.14 3.08
N GLN A 343 -3.74 -14.40 3.89
CA GLN A 343 -4.68 -13.36 4.38
C GLN A 343 -4.05 -12.73 5.63
N PRO A 344 -4.54 -11.55 6.10
CA PRO A 344 -3.95 -10.82 7.25
C PRO A 344 -3.81 -11.54 8.61
N TYR A 345 -4.86 -12.26 9.01
CA TYR A 345 -4.90 -13.08 10.25
C TYR A 345 -3.73 -14.05 10.25
N TYR A 346 -3.57 -14.85 9.20
CA TYR A 346 -2.51 -15.90 9.14
C TYR A 346 -1.12 -15.26 9.02
N ALA A 347 -1.03 -14.02 8.51
CA ALA A 347 0.23 -13.23 8.42
C ALA A 347 0.67 -12.85 9.82
N LEU A 348 -0.24 -12.33 10.65
CA LEU A 348 0.05 -11.99 12.06
C LEU A 348 0.48 -13.22 12.88
N GLN A 349 0.13 -14.44 12.45
CA GLN A 349 0.48 -15.68 13.19
C GLN A 349 1.73 -16.32 12.60
N HIS A 350 2.47 -15.61 11.75
CA HIS A 350 3.71 -16.09 11.10
C HIS A 350 4.87 -16.03 12.10
N SER A 351 5.89 -16.86 11.86
CA SER A 351 7.06 -17.00 12.76
C SER A 351 7.89 -15.73 12.73
N PHE A 352 7.65 -14.85 11.76
CA PHE A 352 8.43 -13.60 11.61
C PHE A 352 8.02 -12.67 12.77
N PHE A 353 6.83 -12.87 13.30
CA PHE A 353 6.24 -12.01 14.36
C PHE A 353 6.35 -12.68 15.73
N LYS A 354 7.00 -13.84 15.85
CA LYS A 354 7.09 -14.64 17.11
C LYS A 354 8.31 -14.17 17.94
N LYS A 355 8.11 -14.03 19.26
CA LYS A 355 9.12 -13.67 20.31
C LYS A 355 10.19 -12.75 19.71
C1 RHT B . 0.05 15.06 5.26
N1 RHT B . -0.85 14.78 6.37
C2 RHT B . -0.67 15.04 7.68
N2 RHT B . -1.66 14.64 8.45
C3 RHT B . -2.58 14.10 7.56
N3 RHT B . -4.75 12.32 0.53
C4 RHT B . -3.82 13.52 7.77
N4 RHT B . -6.15 11.32 2.05
C5 RHT B . -4.52 13.04 6.67
N5 RHT B . -7.57 10.28 3.52
C6 RHT B . -4.03 13.13 5.35
C7 RHT B . -2.77 13.70 5.16
C8 RHT B . -2.08 14.18 6.26
C9 RHT B . -4.79 12.54 4.20
C10 RHT B . -4.39 12.74 2.87
C11 RHT B . -5.10 12.14 1.81
C12 RHT B . -6.52 11.09 3.33
C13 RHT B . -5.85 11.67 4.42
CL CL C . -6.12 3.51 -7.74
CL CL D . 7.32 5.21 -3.87
#